data_1LPS
#
_entry.id   1LPS
#
_cell.length_a   65.100
_cell.length_b   97.700
_cell.length_c   176.100
_cell.angle_alpha   90.00
_cell.angle_beta   90.00
_cell.angle_gamma   90.00
#
_symmetry.space_group_name_H-M   'C 2 2 21'
#
loop_
_entity.id
_entity.type
_entity.pdbx_description
1 polymer LIPASE
2 branched 2-acetamido-2-deoxy-beta-D-glucopyranose-(1-4)-2-acetamido-2-deoxy-beta-D-glucopyranose
3 non-polymer 2-acetamido-2-deoxy-beta-D-glucopyranose
4 non-polymer 'CALCIUM ION'
5 non-polymer '(1S)-MENTHYL HEXYL PHOSPHONATE GROUP'
6 water water
#
_entity_poly.entity_id   1
_entity_poly.type   'polypeptide(L)'
_entity_poly.pdbx_seq_one_letter_code
;MELALALSLIASVAAAPTATLANGDTITGLNAIINEAFLGIPFAEPPVGNLRFKDPVPYSGSLDGQKFTSYGPSCMQQNP
EGTYEENLPKAALDLVMQSKVFEAVSPSSEDCLTINVVRPPGTKAGANLPVMLWIFGGGFEVGGTSTFPPAQMITKSIAM
GKPIIHVSVNYRVSSWGFLAGDEIKAEGSANAGLKDQRLGMQWVADNIAAFGGDPTKVTIFGESAGSMSVMCHILWNDGD
NTYKGKPLFRAGIMQSGAMVPSDAVDGIYGNEIFDLLASNAGCGSASDKLACLRGVSSDTLEDATNNTPGFLAYSSLRLS
YLPRPDGVNITDDMYALVREGKYANIPVIIGDQNDEGTFFGTSSLNVTTDAQAREYFKQSFVHASDAEIDTLMTAYPGDI
TQGSPFDTGILNALTPQFKRISAVLGDLGFTLARRYFLNHYTGGTKYSFLSKQLSGLPVLGTFHSNDIVFQDYLLGSGSL
IYNNAFIAFATDLDPNTAGLLVKWPEYTSSSQSGNNLMMINALGLYTGKDNFRTAGYDALFSNPPSFFV
;
_entity_poly.pdbx_strand_id   A
#
loop_
_chem_comp.id
_chem_comp.type
_chem_comp.name
_chem_comp.formula
CA non-polymer 'CALCIUM ION' 'Ca 2'
MPC non-polymer '(1S)-MENTHYL HEXYL PHOSPHONATE GROUP' 'C16 H33 O3 P'
NAG D-saccharide, beta linking 2-acetamido-2-deoxy-beta-D-glucopyranose 'C8 H15 N O6'
#
# COMPACT_ATOMS: atom_id res chain seq x y z
N ALA A 16 -9.65 23.34 -21.83
CA ALA A 16 -8.54 23.56 -22.81
C ALA A 16 -7.77 22.27 -23.10
N PRO A 17 -7.09 21.67 -22.08
CA PRO A 17 -6.35 20.42 -22.32
C PRO A 17 -7.31 19.38 -22.90
N THR A 18 -6.88 18.70 -23.95
CA THR A 18 -7.73 17.70 -24.58
C THR A 18 -7.00 16.40 -24.93
N ALA A 19 -7.74 15.31 -24.98
CA ALA A 19 -7.17 14.01 -25.31
C ALA A 19 -8.25 13.17 -25.99
N THR A 20 -7.88 12.45 -27.04
CA THR A 20 -8.83 11.55 -27.74
C THR A 20 -8.45 10.13 -27.35
N LEU A 21 -9.31 9.47 -26.59
CA LEU A 21 -9.04 8.11 -26.13
C LEU A 21 -9.02 7.05 -27.22
N ALA A 22 -8.70 5.83 -26.79
CA ALA A 22 -8.59 4.66 -27.67
C ALA A 22 -9.90 4.21 -28.32
N ASN A 23 -11.01 4.88 -28.03
CA ASN A 23 -12.28 4.51 -28.64
C ASN A 23 -12.87 5.70 -29.40
N GLY A 24 -12.04 6.71 -29.64
CA GLY A 24 -12.51 7.87 -30.37
C GLY A 24 -13.15 9.00 -29.56
N ASP A 25 -13.25 8.85 -28.25
CA ASP A 25 -13.86 9.92 -27.45
C ASP A 25 -12.84 11.00 -27.15
N THR A 26 -13.26 12.24 -27.22
CA THR A 26 -12.38 13.33 -26.91
C THR A 26 -12.86 13.93 -25.60
N ILE A 27 -11.98 13.93 -24.61
CA ILE A 27 -12.34 14.44 -23.32
C ILE A 27 -11.54 15.72 -23.08
N THR A 28 -12.05 16.56 -22.19
CA THR A 28 -11.40 17.83 -21.85
C THR A 28 -10.95 17.77 -20.38
N GLY A 29 -9.78 18.33 -20.10
CA GLY A 29 -9.26 18.33 -18.76
C GLY A 29 -9.17 19.73 -18.24
N LEU A 30 -8.35 19.92 -17.23
CA LEU A 30 -8.16 21.20 -16.59
C LEU A 30 -6.74 21.69 -16.79
N ASN A 31 -6.58 22.99 -16.86
CA ASN A 31 -5.25 23.58 -17.00
C ASN A 31 -5.00 24.19 -15.64
N ALA A 32 -4.07 23.60 -14.89
CA ALA A 32 -3.74 24.09 -13.56
C ALA A 32 -2.50 24.97 -13.59
N ILE A 33 -2.15 25.44 -14.78
CA ILE A 33 -0.99 26.32 -15.01
C ILE A 33 0.32 25.58 -14.89
N ILE A 34 0.64 25.09 -13.68
CA ILE A 34 1.87 24.36 -13.48
C ILE A 34 1.81 22.93 -14.01
N ASN A 35 0.62 22.49 -14.41
CA ASN A 35 0.41 21.14 -14.96
C ASN A 35 -1.00 21.05 -15.58
N GLU A 36 -1.24 20.01 -16.37
CA GLU A 36 -2.54 19.77 -17.00
C GLU A 36 -3.08 18.47 -16.42
N ALA A 37 -4.34 18.47 -15.99
CA ALA A 37 -4.90 17.27 -15.39
C ALA A 37 -6.26 16.85 -15.90
N PHE A 38 -6.51 15.55 -15.89
CA PHE A 38 -7.78 14.94 -16.29
C PHE A 38 -8.13 14.07 -15.07
N LEU A 39 -9.04 14.57 -14.26
CA LEU A 39 -9.41 13.92 -13.02
C LEU A 39 -10.78 13.29 -13.08
N GLY A 40 -10.92 12.16 -12.41
CA GLY A 40 -12.21 11.48 -12.37
C GLY A 40 -12.66 10.73 -13.61
N ILE A 41 -11.75 10.16 -14.38
CA ILE A 41 -12.14 9.40 -15.57
C ILE A 41 -12.58 8.00 -15.12
N PRO A 42 -13.85 7.63 -15.38
CA PRO A 42 -14.33 6.31 -14.98
C PRO A 42 -13.66 5.19 -15.77
N PHE A 43 -13.09 4.21 -15.09
CA PHE A 43 -12.44 3.15 -15.83
C PHE A 43 -13.15 1.81 -15.73
N ALA A 44 -14.20 1.79 -14.91
CA ALA A 44 -14.95 0.58 -14.72
C ALA A 44 -16.39 0.91 -14.44
N GLU A 45 -17.27 -0.07 -14.66
CA GLU A 45 -18.68 0.10 -14.38
C GLU A 45 -18.84 0.08 -12.85
N PRO A 46 -19.64 0.99 -12.28
CA PRO A 46 -19.85 1.05 -10.82
C PRO A 46 -20.15 -0.30 -10.18
N PRO A 47 -19.29 -0.74 -9.25
CA PRO A 47 -19.35 -2.02 -8.51
C PRO A 47 -20.44 -2.03 -7.43
N VAL A 48 -21.61 -1.59 -7.85
CA VAL A 48 -22.76 -1.46 -6.96
C VAL A 48 -23.79 -2.57 -7.18
N GLY A 49 -24.65 -2.75 -6.19
CA GLY A 49 -25.69 -3.76 -6.28
C GLY A 49 -25.14 -5.17 -6.31
N ASN A 50 -25.58 -5.94 -7.29
CA ASN A 50 -25.13 -7.30 -7.44
C ASN A 50 -23.68 -7.40 -7.94
N LEU A 51 -23.10 -6.25 -8.33
CA LEU A 51 -21.71 -6.20 -8.78
C LEU A 51 -20.75 -6.10 -7.57
N ARG A 52 -21.32 -5.88 -6.40
CA ARG A 52 -20.55 -5.77 -5.15
C ARG A 52 -19.63 -6.97 -4.94
N PHE A 53 -18.46 -6.71 -4.35
CA PHE A 53 -17.45 -7.71 -4.04
C PHE A 53 -16.95 -8.45 -5.28
N LYS A 54 -17.54 -8.17 -6.43
CA LYS A 54 -17.19 -8.83 -7.68
C LYS A 54 -16.09 -8.10 -8.43
N ASP A 55 -15.39 -8.83 -9.29
CA ASP A 55 -14.32 -8.29 -10.12
C ASP A 55 -14.84 -7.08 -10.89
N PRO A 56 -13.97 -6.12 -11.20
CA PRO A 56 -14.42 -4.95 -11.93
C PRO A 56 -14.76 -5.24 -13.39
N VAL A 57 -15.80 -4.60 -13.88
CA VAL A 57 -16.23 -4.75 -15.26
C VAL A 57 -15.74 -3.51 -16.00
N PRO A 58 -15.06 -3.71 -17.15
CA PRO A 58 -14.54 -2.60 -17.95
C PRO A 58 -15.64 -1.58 -18.21
N TYR A 59 -15.31 -0.30 -18.16
CA TYR A 59 -16.29 0.72 -18.40
C TYR A 59 -16.72 0.77 -19.85
N SER A 60 -18.00 0.49 -20.08
CA SER A 60 -18.59 0.50 -21.42
C SER A 60 -19.55 1.68 -21.51
N GLY A 61 -19.10 2.74 -22.18
CA GLY A 61 -19.93 3.93 -22.32
C GLY A 61 -19.13 4.97 -23.07
N SER A 62 -19.69 6.17 -23.23
CA SER A 62 -18.98 7.21 -23.95
C SER A 62 -18.65 8.43 -23.09
N LEU A 63 -17.41 8.87 -23.20
CA LEU A 63 -16.92 10.01 -22.45
C LEU A 63 -16.75 11.16 -23.43
N ASP A 64 -17.10 10.90 -24.68
CA ASP A 64 -17.00 11.91 -25.73
C ASP A 64 -17.68 13.19 -25.27
N GLY A 65 -16.94 14.29 -25.36
CA GLY A 65 -17.47 15.57 -24.98
C GLY A 65 -17.48 15.90 -23.50
N GLN A 66 -17.03 14.98 -22.66
CA GLN A 66 -17.05 15.27 -21.23
C GLN A 66 -15.78 15.94 -20.72
N LYS A 67 -15.95 16.73 -19.66
CA LYS A 67 -14.85 17.42 -19.02
C LYS A 67 -14.50 16.66 -17.75
N PHE A 68 -13.21 16.56 -17.47
CA PHE A 68 -12.71 15.83 -16.31
C PHE A 68 -11.77 16.75 -15.55
N THR A 69 -12.39 17.59 -14.74
CA THR A 69 -11.68 18.61 -13.99
C THR A 69 -11.70 18.48 -12.47
N SER A 70 -12.24 17.39 -11.94
CA SER A 70 -12.29 17.18 -10.49
C SER A 70 -12.13 15.71 -10.13
N TYR A 71 -11.57 15.45 -8.96
CA TYR A 71 -11.41 14.08 -8.47
C TYR A 71 -12.81 13.60 -8.12
N GLY A 72 -13.10 12.34 -8.38
CA GLY A 72 -14.41 11.83 -8.04
C GLY A 72 -14.36 11.39 -6.60
N PRO A 73 -15.45 10.81 -6.04
CA PRO A 73 -15.36 10.40 -4.64
C PRO A 73 -14.43 9.20 -4.49
N SER A 74 -14.04 8.94 -3.26
CA SER A 74 -13.21 7.81 -2.94
C SER A 74 -14.19 6.69 -2.69
N CYS A 75 -13.68 5.47 -2.58
CA CYS A 75 -14.53 4.32 -2.29
C CYS A 75 -14.92 4.43 -0.82
N MET A 76 -15.92 3.66 -0.40
CA MET A 76 -16.35 3.73 0.99
C MET A 76 -15.17 3.49 1.93
N GLN A 77 -15.11 4.29 2.99
CA GLN A 77 -14.02 4.21 3.95
C GLN A 77 -14.46 3.51 5.22
N GLN A 78 -13.51 2.87 5.90
CA GLN A 78 -13.81 2.20 7.16
C GLN A 78 -13.17 3.00 8.29
N ASN A 79 -13.86 3.08 9.42
CA ASN A 79 -13.38 3.77 10.59
C ASN A 79 -12.10 3.04 11.02
N PRO A 80 -10.93 3.72 10.98
CA PRO A 80 -9.69 3.05 11.40
C PRO A 80 -9.69 2.55 12.85
N GLU A 81 -10.56 3.11 13.68
CA GLU A 81 -10.71 2.70 15.08
C GLU A 81 -11.94 1.79 15.22
N GLY A 82 -12.53 1.40 14.09
CA GLY A 82 -13.70 0.54 14.10
C GLY A 82 -13.41 -0.76 14.84
N THR A 83 -14.47 -1.38 15.37
CA THR A 83 -14.34 -2.61 16.12
C THR A 83 -15.73 -2.99 16.61
N TYR A 84 -15.91 -4.25 16.99
CA TYR A 84 -17.22 -4.70 17.48
C TYR A 84 -17.44 -4.17 18.90
N GLU A 85 -16.35 -3.69 19.50
CA GLU A 85 -16.39 -3.12 20.84
C GLU A 85 -16.85 -1.68 20.71
N GLU A 86 -17.03 -1.01 21.85
CA GLU A 86 -17.44 0.38 21.86
C GLU A 86 -16.43 1.18 22.67
N ASN A 87 -16.02 2.33 22.14
CA ASN A 87 -15.06 3.17 22.85
C ASN A 87 -14.98 4.59 22.29
N LEU A 88 -14.23 5.45 22.99
CA LEU A 88 -14.07 6.84 22.61
C LEU A 88 -13.42 7.07 21.24
N PRO A 89 -12.25 6.46 20.98
CA PRO A 89 -11.62 6.67 19.66
C PRO A 89 -12.56 6.30 18.52
N LYS A 90 -13.29 5.20 18.70
CA LYS A 90 -14.25 4.74 17.72
C LYS A 90 -15.38 5.77 17.57
N ALA A 91 -15.99 6.12 18.69
CA ALA A 91 -17.09 7.09 18.76
C ALA A 91 -16.78 8.47 18.19
N ALA A 92 -15.58 8.95 18.49
CA ALA A 92 -15.15 10.25 18.03
C ALA A 92 -14.94 10.27 16.51
N LEU A 93 -14.19 9.29 16.00
CA LEU A 93 -13.91 9.22 14.57
C LEU A 93 -15.18 9.03 13.78
N ASP A 94 -16.11 8.29 14.34
CA ASP A 94 -17.39 8.07 13.67
C ASP A 94 -18.14 9.40 13.57
N LEU A 95 -18.10 10.14 14.68
CA LEU A 95 -18.71 11.45 14.79
C LEU A 95 -18.16 12.30 13.63
N VAL A 96 -16.83 12.27 13.47
CA VAL A 96 -16.13 13.02 12.43
C VAL A 96 -16.49 12.55 11.03
N MET A 97 -16.26 11.27 10.79
CA MET A 97 -16.52 10.69 9.49
C MET A 97 -17.95 10.82 8.97
N GLN A 98 -18.93 10.89 9.84
CA GLN A 98 -20.30 11.03 9.36
C GLN A 98 -20.75 12.48 9.29
N SER A 99 -19.86 13.40 9.62
CA SER A 99 -20.21 14.80 9.60
C SER A 99 -20.45 15.31 8.20
N LYS A 100 -21.43 16.18 8.05
CA LYS A 100 -21.76 16.76 6.75
C LYS A 100 -20.57 17.51 6.19
N VAL A 101 -19.77 18.09 7.06
CA VAL A 101 -18.57 18.80 6.63
C VAL A 101 -17.53 17.82 6.05
N PHE A 102 -17.41 16.65 6.67
CA PHE A 102 -16.49 15.63 6.22
C PHE A 102 -17.03 15.04 4.92
N GLU A 103 -18.32 14.74 4.93
CA GLU A 103 -18.99 14.18 3.76
C GLU A 103 -18.88 15.17 2.60
N ALA A 104 -18.64 16.43 2.91
CA ALA A 104 -18.53 17.45 1.87
C ALA A 104 -17.13 17.61 1.31
N VAL A 105 -16.15 17.74 2.20
CA VAL A 105 -14.76 17.89 1.81
C VAL A 105 -14.14 16.60 1.26
N SER A 106 -14.56 15.45 1.79
CA SER A 106 -14.05 14.15 1.36
C SER A 106 -15.20 13.16 1.04
N PRO A 107 -15.87 13.35 -0.10
CA PRO A 107 -16.97 12.45 -0.44
C PRO A 107 -16.47 11.07 -0.83
N SER A 108 -17.24 10.05 -0.46
CA SER A 108 -16.89 8.68 -0.77
C SER A 108 -18.15 8.02 -1.30
N SER A 109 -17.99 6.93 -2.04
CA SER A 109 -19.14 6.27 -2.64
C SER A 109 -18.73 4.90 -3.12
N GLU A 110 -19.70 4.03 -3.41
CA GLU A 110 -19.40 2.70 -3.93
C GLU A 110 -19.07 2.84 -5.43
N ASP A 111 -19.59 3.91 -6.04
CA ASP A 111 -19.28 4.21 -7.43
C ASP A 111 -18.03 5.12 -7.31
N CYS A 112 -16.85 4.50 -7.29
CA CYS A 112 -15.62 5.24 -7.07
C CYS A 112 -14.44 4.85 -7.96
N LEU A 113 -14.65 3.92 -8.88
CA LEU A 113 -13.56 3.45 -9.72
C LEU A 113 -13.22 4.39 -10.87
N THR A 114 -12.46 5.44 -10.54
CA THR A 114 -12.03 6.42 -11.53
C THR A 114 -10.53 6.47 -11.56
N ILE A 115 -9.98 7.09 -12.59
CA ILE A 115 -8.52 7.18 -12.78
C ILE A 115 -8.18 8.66 -13.08
N ASN A 116 -6.98 9.11 -12.67
CA ASN A 116 -6.53 10.50 -12.85
C ASN A 116 -5.21 10.62 -13.61
N VAL A 117 -5.18 11.49 -14.62
CA VAL A 117 -3.97 11.70 -15.41
C VAL A 117 -3.46 13.15 -15.29
N VAL A 118 -2.25 13.32 -14.76
CA VAL A 118 -1.67 14.66 -14.59
C VAL A 118 -0.34 14.73 -15.32
N ARG A 119 -0.14 15.78 -16.11
CA ARG A 119 1.09 15.90 -16.90
C ARG A 119 1.72 17.30 -16.94
N PRO A 120 2.95 17.39 -17.46
CA PRO A 120 3.61 18.68 -17.57
C PRO A 120 2.82 19.56 -18.54
N PRO A 121 2.79 20.88 -18.32
CA PRO A 121 2.03 21.72 -19.24
C PRO A 121 2.61 21.58 -20.65
N GLY A 122 1.75 21.63 -21.65
CA GLY A 122 2.21 21.55 -23.02
C GLY A 122 2.50 20.17 -23.54
N THR A 123 2.24 19.15 -22.74
CA THR A 123 2.47 17.80 -23.20
C THR A 123 1.42 17.47 -24.24
N LYS A 124 1.82 16.71 -25.26
CA LYS A 124 0.96 16.34 -26.37
C LYS A 124 1.02 14.85 -26.66
N ALA A 125 0.04 14.34 -27.42
CA ALA A 125 0.04 12.92 -27.79
C ALA A 125 1.35 12.67 -28.52
N GLY A 126 1.92 11.49 -28.35
CA GLY A 126 3.17 11.21 -29.02
C GLY A 126 4.41 11.64 -28.25
N ALA A 127 4.22 12.34 -27.13
CA ALA A 127 5.33 12.77 -26.31
C ALA A 127 6.17 11.58 -25.82
N ASN A 128 5.49 10.47 -25.53
CA ASN A 128 6.08 9.23 -25.04
C ASN A 128 6.89 9.39 -23.74
N LEU A 129 6.31 10.08 -22.77
CA LEU A 129 6.99 10.29 -21.48
C LEU A 129 6.81 9.09 -20.60
N PRO A 130 7.78 8.82 -19.71
CA PRO A 130 7.66 7.68 -18.79
C PRO A 130 6.44 7.97 -17.90
N VAL A 131 5.76 6.90 -17.48
CA VAL A 131 4.58 7.01 -16.64
C VAL A 131 4.85 6.48 -15.22
N MET A 132 4.42 7.24 -14.22
CA MET A 132 4.56 6.79 -12.83
C MET A 132 3.13 6.58 -12.33
N LEU A 133 2.75 5.30 -12.15
CA LEU A 133 1.41 4.96 -11.70
C LEU A 133 1.37 4.78 -10.16
N TRP A 134 0.70 5.72 -9.49
CA TRP A 134 0.57 5.72 -8.03
C TRP A 134 -0.57 4.85 -7.45
N ILE A 135 -0.24 4.00 -6.46
CA ILE A 135 -1.23 3.13 -5.78
C ILE A 135 -1.16 3.56 -4.30
N PHE A 136 -2.17 4.30 -3.85
CA PHE A 136 -2.21 4.80 -2.47
C PHE A 136 -2.25 3.75 -1.37
N GLY A 137 -1.85 4.16 -0.17
CA GLY A 137 -1.88 3.26 0.95
C GLY A 137 -2.87 3.78 1.96
N GLY A 138 -3.52 2.87 2.65
CA GLY A 138 -4.49 3.24 3.66
C GLY A 138 -4.90 2.04 4.49
N GLY A 139 -3.93 1.14 4.76
CA GLY A 139 -4.18 -0.06 5.54
C GLY A 139 -5.21 -1.01 4.95
N PHE A 140 -5.45 -0.87 3.63
CA PHE A 140 -6.44 -1.64 2.84
C PHE A 140 -7.86 -1.41 3.40
N GLU A 141 -8.06 -0.26 4.08
CA GLU A 141 -9.34 0.06 4.71
C GLU A 141 -9.85 1.50 4.52
N VAL A 142 -8.95 2.43 4.22
CA VAL A 142 -9.30 3.83 3.95
C VAL A 142 -8.37 4.28 2.82
N GLY A 143 -8.56 5.49 2.32
CA GLY A 143 -7.70 5.98 1.27
C GLY A 143 -8.38 6.43 0.00
N GLY A 144 -7.71 7.36 -0.69
CA GLY A 144 -8.18 7.91 -1.96
C GLY A 144 -7.03 8.57 -2.69
N THR A 145 -7.19 8.76 -3.99
CA THR A 145 -6.18 9.38 -4.84
C THR A 145 -6.00 10.89 -4.62
N SER A 146 -7.09 11.58 -4.33
CA SER A 146 -7.10 13.02 -4.14
C SER A 146 -6.18 13.61 -3.07
N THR A 147 -5.77 12.79 -2.11
CA THR A 147 -4.91 13.28 -1.02
C THR A 147 -3.43 13.11 -1.27
N PHE A 148 -3.06 12.77 -2.49
CA PHE A 148 -1.67 12.59 -2.83
C PHE A 148 -1.35 13.44 -4.03
N PRO A 149 -1.20 14.76 -3.81
CA PRO A 149 -0.90 15.72 -4.88
C PRO A 149 0.36 15.37 -5.70
N PRO A 150 0.21 15.25 -7.03
CA PRO A 150 1.31 14.91 -7.96
C PRO A 150 2.20 16.07 -8.40
N ALA A 151 1.78 17.30 -8.10
CA ALA A 151 2.48 18.50 -8.50
C ALA A 151 3.95 18.57 -8.11
N GLN A 152 4.28 18.21 -6.86
CA GLN A 152 5.68 18.27 -6.43
C GLN A 152 6.57 17.41 -7.32
N MET A 153 6.08 16.22 -7.65
CA MET A 153 6.82 15.28 -8.49
C MET A 153 6.90 15.79 -9.92
N ILE A 154 5.78 16.26 -10.46
CA ILE A 154 5.78 16.74 -11.83
C ILE A 154 6.73 17.92 -12.01
N THR A 155 6.60 18.94 -11.16
CA THR A 155 7.48 20.09 -11.25
C THR A 155 8.97 19.70 -11.22
N LYS A 156 9.35 18.89 -10.24
CA LYS A 156 10.74 18.48 -10.15
C LYS A 156 11.18 17.71 -11.39
N SER A 157 10.29 16.93 -11.98
CA SER A 157 10.65 16.13 -13.16
C SER A 157 11.04 17.05 -14.30
N ILE A 158 10.27 18.12 -14.46
CA ILE A 158 10.51 19.11 -15.51
C ILE A 158 11.84 19.79 -15.23
N ALA A 159 12.01 20.29 -14.01
CA ALA A 159 13.23 20.97 -13.59
C ALA A 159 14.46 20.09 -13.84
N MET A 160 14.27 18.77 -13.75
CA MET A 160 15.33 17.81 -13.96
C MET A 160 15.54 17.53 -15.42
N GLY A 161 14.60 17.95 -16.26
CA GLY A 161 14.75 17.69 -17.66
C GLY A 161 14.38 16.24 -17.90
N LYS A 162 13.63 15.67 -16.98
CA LYS A 162 13.18 14.29 -17.11
C LYS A 162 11.70 14.32 -16.74
N PRO A 163 10.87 14.95 -17.60
CA PRO A 163 9.43 15.03 -17.32
C PRO A 163 8.71 13.67 -17.35
N ILE A 164 7.81 13.48 -16.39
CA ILE A 164 7.06 12.24 -16.32
C ILE A 164 5.56 12.58 -16.22
N ILE A 165 4.72 11.58 -16.46
CA ILE A 165 3.29 11.77 -16.36
C ILE A 165 2.85 10.95 -15.16
N HIS A 166 2.04 11.56 -14.30
CA HIS A 166 1.57 10.92 -13.09
C HIS A 166 0.13 10.39 -13.26
N VAL A 167 -0.06 9.11 -12.95
CA VAL A 167 -1.35 8.46 -13.06
C VAL A 167 -1.71 7.86 -11.68
N SER A 168 -2.96 8.03 -11.25
CA SER A 168 -3.38 7.48 -9.97
C SER A 168 -4.69 6.75 -10.14
N VAL A 169 -4.87 5.64 -9.44
CA VAL A 169 -6.07 4.85 -9.58
C VAL A 169 -6.79 4.58 -8.25
N ASN A 170 -8.11 4.78 -8.27
CA ASN A 170 -8.96 4.52 -7.12
C ASN A 170 -9.20 2.99 -7.14
N TYR A 171 -9.27 2.37 -5.98
CA TYR A 171 -9.56 0.94 -5.86
C TYR A 171 -10.37 0.77 -4.59
N ARG A 172 -11.16 -0.30 -4.54
CA ARG A 172 -12.02 -0.61 -3.40
C ARG A 172 -11.17 -1.03 -2.21
N VAL A 173 -11.58 -0.58 -1.02
CA VAL A 173 -10.89 -0.87 0.24
C VAL A 173 -11.87 -1.45 1.28
N SER A 174 -11.32 -2.04 2.34
CA SER A 174 -12.11 -2.60 3.44
C SER A 174 -13.00 -3.76 2.96
N SER A 175 -14.18 -3.92 3.54
CA SER A 175 -15.08 -5.02 3.13
C SER A 175 -15.45 -4.97 1.65
N TRP A 176 -15.60 -3.77 1.10
CA TRP A 176 -15.97 -3.62 -0.30
C TRP A 176 -14.92 -4.15 -1.27
N GLY A 177 -13.65 -4.00 -0.92
CA GLY A 177 -12.61 -4.48 -1.82
C GLY A 177 -11.84 -5.72 -1.40
N PHE A 178 -11.89 -6.07 -0.12
CA PHE A 178 -11.13 -7.21 0.33
C PHE A 178 -11.85 -8.23 1.21
N LEU A 179 -13.08 -8.56 0.87
CA LEU A 179 -13.84 -9.55 1.63
C LEU A 179 -13.30 -10.93 1.26
N ALA A 180 -13.15 -11.80 2.27
CA ALA A 180 -12.63 -13.15 2.05
C ALA A 180 -13.62 -14.21 2.57
N GLY A 181 -13.12 -15.41 2.86
CA GLY A 181 -13.97 -16.48 3.36
C GLY A 181 -14.29 -17.52 2.32
N ASP A 182 -14.99 -18.57 2.74
CA ASP A 182 -15.37 -19.67 1.85
C ASP A 182 -16.25 -19.28 0.66
N GLU A 183 -17.24 -18.43 0.90
CA GLU A 183 -18.16 -18.01 -0.15
C GLU A 183 -17.46 -17.20 -1.22
N ILE A 184 -16.66 -16.23 -0.81
CA ILE A 184 -15.92 -15.41 -1.76
C ILE A 184 -14.99 -16.31 -2.58
N LYS A 185 -14.32 -17.25 -1.93
CA LYS A 185 -13.42 -18.13 -2.66
C LYS A 185 -14.15 -18.93 -3.71
N ALA A 186 -15.21 -19.62 -3.29
CA ALA A 186 -16.00 -20.44 -4.19
C ALA A 186 -16.46 -19.65 -5.42
N GLU A 187 -16.73 -18.37 -5.23
CA GLU A 187 -17.23 -17.48 -6.28
C GLU A 187 -16.18 -16.89 -7.21
N GLY A 188 -14.91 -16.96 -6.82
CA GLY A 188 -13.85 -16.40 -7.64
C GLY A 188 -13.79 -14.88 -7.54
N SER A 189 -14.15 -14.37 -6.38
CA SER A 189 -14.17 -12.93 -6.15
C SER A 189 -13.14 -12.35 -5.15
N ALA A 190 -12.10 -13.13 -4.82
CA ALA A 190 -11.07 -12.67 -3.89
C ALA A 190 -10.26 -11.47 -4.37
N ASN A 191 -9.78 -10.66 -3.44
CA ASN A 191 -8.95 -9.49 -3.76
C ASN A 191 -9.53 -8.56 -4.81
N ALA A 192 -10.80 -8.20 -4.67
CA ALA A 192 -11.46 -7.30 -5.63
C ALA A 192 -10.71 -5.98 -5.79
N GLY A 193 -10.22 -5.42 -4.68
CA GLY A 193 -9.50 -4.16 -4.72
C GLY A 193 -8.23 -4.18 -5.55
N LEU A 194 -7.52 -5.31 -5.58
CA LEU A 194 -6.29 -5.46 -6.38
C LEU A 194 -6.66 -5.59 -7.85
N LYS A 195 -7.80 -6.22 -8.10
CA LYS A 195 -8.29 -6.39 -9.46
C LYS A 195 -8.66 -5.01 -10.02
N ASP A 196 -9.15 -4.12 -9.16
CA ASP A 196 -9.48 -2.77 -9.60
C ASP A 196 -8.19 -2.14 -10.10
N GLN A 197 -7.15 -2.16 -9.27
CA GLN A 197 -5.84 -1.62 -9.64
C GLN A 197 -5.31 -2.21 -10.96
N ARG A 198 -5.52 -3.51 -11.16
CA ARG A 198 -5.08 -4.23 -12.35
C ARG A 198 -5.77 -3.74 -13.62
N LEU A 199 -7.07 -3.44 -13.52
CA LEU A 199 -7.86 -2.95 -14.64
C LEU A 199 -7.37 -1.57 -15.06
N GLY A 200 -7.08 -0.72 -14.07
CA GLY A 200 -6.57 0.61 -14.32
C GLY A 200 -5.26 0.55 -15.08
N MET A 201 -4.43 -0.43 -14.73
CA MET A 201 -3.17 -0.61 -15.41
C MET A 201 -3.49 -0.90 -16.86
N GLN A 202 -4.40 -1.82 -17.08
CA GLN A 202 -4.80 -2.18 -18.42
C GLN A 202 -5.34 -0.97 -19.17
N TRP A 203 -5.97 -0.04 -18.45
CA TRP A 203 -6.54 1.15 -19.06
C TRP A 203 -5.40 2.08 -19.48
N VAL A 204 -4.34 2.09 -18.68
CA VAL A 204 -3.17 2.91 -18.97
C VAL A 204 -2.50 2.38 -20.23
N ALA A 205 -2.37 1.06 -20.34
CA ALA A 205 -1.75 0.45 -21.53
C ALA A 205 -2.50 0.86 -22.80
N ASP A 206 -3.82 0.79 -22.73
CA ASP A 206 -4.67 1.12 -23.86
C ASP A 206 -4.86 2.60 -24.17
N ASN A 207 -4.75 3.49 -23.17
CA ASN A 207 -5.02 4.92 -23.43
C ASN A 207 -3.97 5.98 -23.15
N ILE A 208 -2.94 5.67 -22.38
CA ILE A 208 -1.95 6.67 -22.01
C ILE A 208 -1.26 7.42 -23.16
N ALA A 209 -1.09 6.75 -24.29
CA ALA A 209 -0.45 7.34 -25.45
C ALA A 209 -1.20 8.59 -25.89
N ALA A 210 -2.52 8.59 -25.74
CA ALA A 210 -3.36 9.74 -26.10
C ALA A 210 -3.04 10.94 -25.22
N PHE A 211 -2.46 10.67 -24.05
CA PHE A 211 -2.09 11.72 -23.10
C PHE A 211 -0.64 12.14 -23.20
N GLY A 212 0.13 11.39 -24.00
CA GLY A 212 1.53 11.72 -24.17
C GLY A 212 2.43 10.80 -23.40
N GLY A 213 1.88 9.78 -22.76
CA GLY A 213 2.71 8.84 -22.02
C GLY A 213 3.11 7.68 -22.89
N ASP A 214 4.15 6.95 -22.51
CA ASP A 214 4.60 5.79 -23.27
C ASP A 214 4.14 4.56 -22.49
N PRO A 215 3.21 3.76 -23.05
CA PRO A 215 2.74 2.56 -22.36
C PRO A 215 3.83 1.54 -22.06
N THR A 216 5.02 1.75 -22.63
CA THR A 216 6.13 0.83 -22.41
C THR A 216 7.13 1.33 -21.36
N LYS A 217 6.83 2.49 -20.78
CA LYS A 217 7.71 3.07 -19.77
C LYS A 217 6.95 3.32 -18.46
N VAL A 218 6.13 2.34 -18.06
CA VAL A 218 5.35 2.46 -16.83
C VAL A 218 6.08 1.91 -15.62
N THR A 219 6.15 2.71 -14.56
CA THR A 219 6.75 2.31 -13.29
C THR A 219 5.63 2.41 -12.26
N ILE A 220 5.36 1.32 -11.54
CA ILE A 220 4.31 1.35 -10.53
C ILE A 220 4.93 1.62 -9.17
N PHE A 221 4.26 2.45 -8.36
CA PHE A 221 4.78 2.78 -7.06
C PHE A 221 3.67 3.11 -6.07
N GLY A 222 3.90 2.77 -4.82
CA GLY A 222 2.91 3.04 -3.79
C GLY A 222 3.63 3.06 -2.46
N GLU A 223 2.93 3.43 -1.40
CA GLU A 223 3.49 3.47 -0.05
C GLU A 223 2.58 2.72 0.92
N SER A 224 3.19 1.95 1.82
CA SER A 224 2.46 1.17 2.82
C SER A 224 1.55 0.12 2.13
N ALA A 225 0.23 0.24 2.26
CA ALA A 225 -0.67 -0.72 1.62
C ALA A 225 -0.49 -0.66 0.10
N GLY A 226 -0.12 0.52 -0.39
CA GLY A 226 0.09 0.68 -1.82
C GLY A 226 1.35 -0.02 -2.27
N SER A 227 2.31 -0.11 -1.35
CA SER A 227 3.59 -0.74 -1.64
C SER A 227 3.42 -2.24 -1.65
N MET A 228 2.69 -2.77 -0.66
CA MET A 228 2.43 -4.19 -0.59
C MET A 228 1.61 -4.57 -1.81
N SER A 229 0.82 -3.62 -2.32
CA SER A 229 0.00 -3.81 -3.52
C SER A 229 0.91 -3.98 -4.73
N VAL A 230 2.00 -3.21 -4.75
CA VAL A 230 2.99 -3.28 -5.82
C VAL A 230 3.65 -4.68 -5.83
N MET A 231 4.01 -5.18 -4.64
CA MET A 231 4.60 -6.52 -4.50
C MET A 231 3.62 -7.56 -5.03
N CYS A 232 2.36 -7.40 -4.66
CA CYS A 232 1.32 -8.31 -5.12
C CYS A 232 1.24 -8.28 -6.65
N HIS A 233 1.47 -7.12 -7.27
CA HIS A 233 1.43 -7.03 -8.74
C HIS A 233 2.62 -7.72 -9.39
N ILE A 234 3.72 -7.75 -8.67
CA ILE A 234 4.95 -8.39 -9.13
C ILE A 234 4.75 -9.90 -9.05
N LEU A 235 3.88 -10.32 -8.12
CA LEU A 235 3.58 -11.74 -7.89
C LEU A 235 2.37 -12.29 -8.63
N TRP A 236 1.49 -11.39 -9.09
CA TRP A 236 0.26 -11.74 -9.80
C TRP A 236 0.44 -12.66 -11.00
N ASN A 237 -0.43 -13.66 -11.09
CA ASN A 237 -0.42 -14.62 -12.17
C ASN A 237 0.95 -15.22 -12.31
N ASP A 238 1.52 -15.60 -11.16
CA ASP A 238 2.85 -16.21 -11.04
C ASP A 238 3.98 -15.43 -11.72
N GLY A 239 3.80 -14.12 -11.81
CA GLY A 239 4.80 -13.27 -12.42
C GLY A 239 4.47 -12.81 -13.83
N ASP A 240 3.38 -13.32 -14.40
CA ASP A 240 3.04 -12.91 -15.75
C ASP A 240 2.33 -11.56 -15.70
N ASN A 241 3.08 -10.52 -16.05
CA ASN A 241 2.58 -9.15 -16.02
C ASN A 241 2.24 -8.57 -17.39
N THR A 242 1.97 -9.43 -18.37
CA THR A 242 1.66 -8.96 -19.72
C THR A 242 0.17 -8.77 -19.93
N TYR A 243 -0.13 -7.91 -20.91
CA TYR A 243 -1.49 -7.56 -21.31
C TYR A 243 -1.36 -7.39 -22.81
N LYS A 244 -2.11 -8.16 -23.59
CA LYS A 244 -2.04 -8.07 -25.06
C LYS A 244 -0.61 -8.34 -25.54
N GLY A 245 0.10 -9.21 -24.85
CA GLY A 245 1.46 -9.52 -25.25
C GLY A 245 2.58 -8.68 -24.69
N LYS A 246 2.30 -7.54 -24.06
CA LYS A 246 3.36 -6.70 -23.52
C LYS A 246 3.22 -6.53 -22.01
N PRO A 247 4.34 -6.36 -21.31
CA PRO A 247 4.32 -6.18 -19.85
C PRO A 247 3.53 -4.94 -19.49
N LEU A 248 2.88 -4.98 -18.35
CA LEU A 248 2.08 -3.86 -17.88
C LEU A 248 2.89 -2.77 -17.20
N PHE A 249 4.12 -3.08 -16.81
CA PHE A 249 5.01 -2.12 -16.15
C PHE A 249 6.45 -2.62 -16.24
N ARG A 250 7.40 -1.71 -16.38
CA ARG A 250 8.82 -2.06 -16.48
C ARG A 250 9.57 -1.95 -15.17
N ALA A 251 8.91 -1.47 -14.12
CA ALA A 251 9.59 -1.33 -12.84
C ALA A 251 8.62 -1.04 -11.72
N GLY A 252 9.11 -1.12 -10.50
CA GLY A 252 8.29 -0.85 -9.34
C GLY A 252 9.11 -0.24 -8.22
N ILE A 253 8.50 0.67 -7.48
CA ILE A 253 9.13 1.34 -6.34
C ILE A 253 8.22 1.06 -5.16
N MET A 254 8.77 0.42 -4.14
CA MET A 254 8.04 0.07 -2.95
C MET A 254 8.49 0.88 -1.73
N GLN A 255 7.64 1.82 -1.30
CA GLN A 255 7.90 2.68 -0.15
C GLN A 255 7.19 2.10 1.08
N SER A 256 7.93 1.40 1.93
CA SER A 256 7.40 0.76 3.16
C SER A 256 6.38 -0.39 2.96
N GLY A 257 6.86 -1.56 2.59
CA GLY A 257 5.95 -2.68 2.42
C GLY A 257 6.35 -3.60 1.28
N ALA A 258 6.37 -4.90 1.56
CA ALA A 258 6.73 -5.90 0.57
C ALA A 258 5.64 -6.98 0.54
N MET A 259 5.99 -8.26 0.73
CA MET A 259 5.00 -9.33 0.73
C MET A 259 3.99 -9.12 1.86
N VAL A 260 2.77 -9.60 1.66
CA VAL A 260 1.74 -9.52 2.68
C VAL A 260 1.80 -10.86 3.46
N PRO A 261 1.95 -10.79 4.80
CA PRO A 261 2.01 -12.01 5.62
C PRO A 261 0.61 -12.54 5.93
N SER A 262 -0.05 -13.12 4.94
CA SER A 262 -1.40 -13.58 5.19
C SER A 262 -1.72 -14.97 4.71
N ASP A 263 -2.67 -15.57 5.42
CA ASP A 263 -3.20 -16.90 5.12
C ASP A 263 -4.09 -16.80 3.90
N ALA A 264 -4.51 -17.95 3.39
CA ALA A 264 -5.37 -18.04 2.24
C ALA A 264 -6.70 -17.34 2.50
N VAL A 265 -7.41 -17.06 1.41
CA VAL A 265 -8.70 -16.37 1.47
C VAL A 265 -9.74 -17.14 2.28
N ASP A 266 -9.74 -18.46 2.16
CA ASP A 266 -10.69 -19.29 2.91
C ASP A 266 -10.07 -19.81 4.21
N GLY A 267 -9.08 -19.09 4.71
CA GLY A 267 -8.42 -19.46 5.95
C GLY A 267 -9.30 -19.09 7.12
N ILE A 268 -8.79 -19.32 8.32
CA ILE A 268 -9.52 -19.07 9.55
C ILE A 268 -9.95 -17.63 9.84
N TYR A 269 -9.05 -16.66 9.70
CA TYR A 269 -9.45 -15.29 10.00
C TYR A 269 -10.28 -14.67 8.88
N GLY A 270 -10.02 -15.09 7.64
CA GLY A 270 -10.77 -14.59 6.51
C GLY A 270 -12.23 -14.92 6.70
N ASN A 271 -12.49 -16.13 7.19
CA ASN A 271 -13.86 -16.58 7.42
C ASN A 271 -14.57 -16.07 8.67
N GLU A 272 -13.81 -15.86 9.74
CA GLU A 272 -14.33 -15.32 11.00
C GLU A 272 -14.85 -13.93 10.72
N ILE A 273 -14.05 -13.15 10.01
CA ILE A 273 -14.39 -11.77 9.64
C ILE A 273 -15.62 -11.74 8.73
N PHE A 274 -15.69 -12.68 7.79
CA PHE A 274 -16.85 -12.75 6.91
C PHE A 274 -18.12 -12.97 7.72
N ASP A 275 -18.05 -13.90 8.68
CA ASP A 275 -19.20 -14.22 9.51
C ASP A 275 -19.59 -13.08 10.43
N LEU A 276 -18.59 -12.41 11.00
CA LEU A 276 -18.83 -11.28 11.89
C LEU A 276 -19.57 -10.17 11.14
N LEU A 277 -19.06 -9.82 9.96
CA LEU A 277 -19.66 -8.80 9.12
C LEU A 277 -21.09 -9.20 8.78
N ALA A 278 -21.30 -10.46 8.42
CA ALA A 278 -22.63 -10.96 8.07
C ALA A 278 -23.61 -10.83 9.24
N SER A 279 -23.18 -11.16 10.46
CA SER A 279 -24.04 -11.02 11.63
C SER A 279 -24.43 -9.54 11.80
N ASN A 280 -23.42 -8.68 11.68
CA ASN A 280 -23.57 -7.23 11.79
C ASN A 280 -24.55 -6.62 10.79
N ALA A 281 -24.55 -7.07 9.53
CA ALA A 281 -25.47 -6.55 8.51
C ALA A 281 -26.87 -7.15 8.59
N GLY A 282 -27.03 -8.16 9.46
CA GLY A 282 -28.32 -8.82 9.64
C GLY A 282 -28.49 -10.01 8.73
N CYS A 283 -27.37 -10.63 8.36
CA CYS A 283 -27.39 -11.77 7.47
C CYS A 283 -26.92 -13.04 8.13
N GLY A 284 -26.84 -13.03 9.46
CA GLY A 284 -26.40 -14.22 10.18
C GLY A 284 -27.27 -15.43 9.94
N SER A 285 -28.52 -15.21 9.54
CA SER A 285 -29.48 -16.31 9.30
C SER A 285 -29.66 -16.73 7.84
N ALA A 286 -29.08 -15.97 6.91
CA ALA A 286 -29.20 -16.25 5.50
C ALA A 286 -28.56 -17.58 5.14
N SER A 287 -29.16 -18.30 4.22
CA SER A 287 -28.60 -19.58 3.79
C SER A 287 -27.44 -19.23 2.88
N ASP A 288 -27.54 -18.10 2.19
CA ASP A 288 -26.47 -17.60 1.33
C ASP A 288 -26.18 -16.21 1.86
N LYS A 289 -25.16 -16.13 2.69
CA LYS A 289 -24.79 -14.87 3.29
C LYS A 289 -24.30 -13.84 2.29
N LEU A 290 -23.60 -14.30 1.27
CA LEU A 290 -23.05 -13.42 0.26
C LEU A 290 -24.12 -12.66 -0.51
N ALA A 291 -25.20 -13.36 -0.87
CA ALA A 291 -26.32 -12.75 -1.59
C ALA A 291 -27.07 -11.81 -0.65
N CYS A 292 -27.05 -12.12 0.64
CA CYS A 292 -27.70 -11.27 1.60
C CYS A 292 -26.90 -9.96 1.68
N LEU A 293 -25.57 -10.07 1.72
CA LEU A 293 -24.72 -8.89 1.79
C LEU A 293 -24.85 -7.94 0.59
N ARG A 294 -25.17 -8.48 -0.59
CA ARG A 294 -25.34 -7.64 -1.78
C ARG A 294 -26.63 -6.84 -1.68
N GLY A 295 -27.55 -7.32 -0.87
CA GLY A 295 -28.84 -6.66 -0.71
C GLY A 295 -28.96 -5.58 0.34
N VAL A 296 -28.06 -5.54 1.32
CA VAL A 296 -28.16 -4.51 2.35
C VAL A 296 -27.78 -3.16 1.75
N SER A 297 -28.36 -2.09 2.26
CA SER A 297 -28.02 -0.76 1.77
C SER A 297 -26.57 -0.45 2.09
N SER A 298 -26.07 0.63 1.48
CA SER A 298 -24.71 1.10 1.70
C SER A 298 -24.57 1.47 3.17
N ASP A 299 -25.59 2.11 3.73
CA ASP A 299 -25.55 2.50 5.13
C ASP A 299 -25.33 1.30 6.03
N THR A 300 -26.18 0.29 5.88
CA THR A 300 -26.08 -0.93 6.67
C THR A 300 -24.72 -1.58 6.55
N LEU A 301 -24.19 -1.62 5.32
CA LEU A 301 -22.91 -2.24 5.06
C LEU A 301 -21.78 -1.42 5.70
N GLU A 302 -21.88 -0.11 5.58
CA GLU A 302 -20.88 0.77 6.16
C GLU A 302 -20.92 0.61 7.67
N ASP A 303 -22.10 0.38 8.20
CA ASP A 303 -22.26 0.21 9.63
C ASP A 303 -21.66 -1.10 10.12
N ALA A 304 -22.04 -2.19 9.47
CA ALA A 304 -21.54 -3.52 9.83
C ALA A 304 -20.03 -3.55 9.78
N THR A 305 -19.46 -2.93 8.76
CA THR A 305 -18.01 -2.86 8.57
C THR A 305 -17.34 -2.07 9.68
N ASN A 306 -17.94 -0.95 10.08
CA ASN A 306 -17.35 -0.16 11.14
C ASN A 306 -17.42 -0.86 12.47
N ASN A 307 -18.08 -2.03 12.48
CA ASN A 307 -18.14 -2.85 13.67
C ASN A 307 -17.25 -4.09 13.61
N THR A 308 -16.24 -4.01 12.76
CA THR A 308 -15.21 -5.04 12.64
C THR A 308 -13.97 -4.20 12.86
N PRO A 309 -12.89 -4.78 13.38
CA PRO A 309 -11.69 -3.99 13.64
C PRO A 309 -11.05 -3.20 12.50
N GLY A 310 -10.69 -1.97 12.81
CA GLY A 310 -10.00 -1.09 11.88
C GLY A 310 -8.51 -1.27 12.16
N PHE A 311 -7.65 -0.78 11.26
CA PHE A 311 -6.21 -0.98 11.45
C PHE A 311 -5.55 -0.32 12.66
N LEU A 312 -6.23 0.63 13.27
CA LEU A 312 -5.73 1.33 14.45
C LEU A 312 -6.32 0.76 15.73
N ALA A 313 -7.27 -0.15 15.59
CA ALA A 313 -7.88 -0.80 16.75
C ALA A 313 -6.88 -1.78 17.36
N TYR A 314 -7.17 -2.28 18.56
CA TYR A 314 -6.33 -3.22 19.29
C TYR A 314 -5.70 -4.33 18.42
N SER A 315 -6.49 -4.86 17.48
CA SER A 315 -6.01 -5.93 16.58
C SER A 315 -4.78 -5.56 15.77
N SER A 316 -4.65 -4.26 15.50
CA SER A 316 -3.49 -3.74 14.81
C SER A 316 -3.20 -4.44 13.49
N LEU A 317 -1.95 -4.92 13.33
CA LEU A 317 -1.46 -5.60 12.12
C LEU A 317 -2.33 -6.77 11.66
N ARG A 318 -2.96 -7.45 12.60
CA ARG A 318 -3.87 -8.57 12.29
C ARG A 318 -5.12 -7.95 11.65
N LEU A 319 -4.96 -7.46 10.42
CA LEU A 319 -6.02 -6.77 9.70
C LEU A 319 -7.22 -7.60 9.33
N SER A 320 -8.37 -6.93 9.29
CA SER A 320 -9.64 -7.54 8.93
C SER A 320 -9.78 -7.72 7.41
N TYR A 321 -9.16 -6.81 6.65
CA TYR A 321 -9.23 -6.82 5.18
C TYR A 321 -7.85 -6.55 4.62
N LEU A 322 -7.37 -7.43 3.74
CA LEU A 322 -6.03 -7.28 3.17
C LEU A 322 -5.87 -8.35 2.09
N PRO A 323 -4.86 -8.24 1.20
CA PRO A 323 -4.63 -9.24 0.14
C PRO A 323 -4.31 -10.60 0.69
N ARG A 324 -5.02 -11.62 0.21
CA ARG A 324 -4.80 -12.99 0.65
C ARG A 324 -4.63 -13.92 -0.54
N PRO A 325 -3.72 -14.88 -0.44
CA PRO A 325 -3.51 -15.83 -1.55
C PRO A 325 -4.84 -16.54 -1.87
N ASP A 326 -5.17 -16.62 -3.15
CA ASP A 326 -6.42 -17.27 -3.53
C ASP A 326 -6.25 -18.54 -4.34
N GLY A 327 -5.01 -18.94 -4.60
CA GLY A 327 -4.79 -20.15 -5.38
C GLY A 327 -5.12 -19.99 -6.87
N VAL A 328 -5.52 -18.80 -7.28
CA VAL A 328 -5.83 -18.52 -8.68
C VAL A 328 -5.00 -17.33 -9.24
N ASN A 329 -5.15 -16.12 -8.68
CA ASN A 329 -4.36 -14.97 -9.18
C ASN A 329 -3.07 -14.73 -8.38
N ILE A 330 -3.07 -15.16 -7.13
CA ILE A 330 -1.93 -15.09 -6.24
C ILE A 330 -2.03 -16.53 -5.83
N THR A 331 -1.22 -17.39 -6.45
CA THR A 331 -1.33 -18.82 -6.23
C THR A 331 -0.89 -19.43 -4.93
N ASP A 332 -0.12 -18.71 -4.13
CA ASP A 332 0.37 -19.30 -2.90
C ASP A 332 0.87 -18.26 -1.90
N ASP A 333 1.26 -18.75 -0.74
CA ASP A 333 1.87 -17.98 0.33
C ASP A 333 2.82 -17.02 -0.40
N MET A 334 2.72 -15.72 -0.12
CA MET A 334 3.56 -14.75 -0.80
C MET A 334 5.06 -14.87 -0.60
N TYR A 335 5.48 -15.48 0.52
CA TYR A 335 6.91 -15.68 0.79
C TYR A 335 7.43 -16.85 -0.04
N ALA A 336 6.60 -17.88 -0.19
CA ALA A 336 6.91 -19.07 -0.97
C ALA A 336 7.06 -18.71 -2.44
N LEU A 337 6.15 -17.89 -2.97
CA LEU A 337 6.18 -17.46 -4.36
C LEU A 337 7.52 -16.79 -4.69
N VAL A 338 7.96 -15.91 -3.79
CA VAL A 338 9.23 -15.19 -3.91
C VAL A 338 10.42 -16.17 -3.84
N ARG A 339 10.35 -17.15 -2.95
CA ARG A 339 11.40 -18.16 -2.88
C ARG A 339 11.43 -18.99 -4.18
N GLU A 340 10.25 -19.36 -4.65
CA GLU A 340 10.08 -20.18 -5.85
C GLU A 340 10.29 -19.48 -7.20
N GLY A 341 10.61 -18.19 -7.17
CA GLY A 341 10.86 -17.44 -8.38
C GLY A 341 9.65 -17.05 -9.23
N LYS A 342 8.45 -17.10 -8.65
CA LYS A 342 7.23 -16.76 -9.38
C LYS A 342 6.90 -15.27 -9.27
N TYR A 343 7.65 -14.47 -10.01
CA TYR A 343 7.49 -13.01 -10.01
C TYR A 343 7.94 -12.44 -11.32
N ALA A 344 7.52 -11.23 -11.62
CA ALA A 344 7.93 -10.56 -12.84
C ALA A 344 9.39 -10.12 -12.64
N ASN A 345 10.19 -10.22 -13.69
CA ASN A 345 11.60 -9.87 -13.61
C ASN A 345 11.81 -8.42 -13.99
N ILE A 346 11.79 -7.57 -12.98
CA ILE A 346 11.94 -6.15 -13.19
C ILE A 346 12.85 -5.52 -12.16
N PRO A 347 13.46 -4.38 -12.52
CA PRO A 347 14.35 -3.66 -11.60
C PRO A 347 13.40 -3.02 -10.56
N VAL A 348 13.80 -3.00 -9.30
CA VAL A 348 12.96 -2.47 -8.23
C VAL A 348 13.72 -1.61 -7.23
N ILE A 349 12.99 -0.75 -6.55
CA ILE A 349 13.54 0.07 -5.47
C ILE A 349 12.59 -0.24 -4.33
N ILE A 350 13.14 -0.57 -3.16
CA ILE A 350 12.30 -0.86 -2.01
C ILE A 350 12.99 -0.32 -0.77
N GLY A 351 12.30 0.54 -0.05
CA GLY A 351 12.89 1.13 1.14
C GLY A 351 11.93 1.18 2.31
N ASP A 352 12.44 1.67 3.45
CA ASP A 352 11.68 1.78 4.68
C ASP A 352 12.06 3.01 5.47
N GLN A 353 11.23 3.36 6.42
CA GLN A 353 11.50 4.47 7.32
C GLN A 353 12.03 3.71 8.53
N ASN A 354 12.93 4.34 9.26
CA ASN A 354 13.55 3.70 10.40
C ASN A 354 12.59 3.12 11.41
N ASP A 355 11.53 3.87 11.73
CA ASP A 355 10.57 3.45 12.75
C ASP A 355 9.15 3.20 12.23
N GLU A 356 9.02 2.14 11.46
CA GLU A 356 7.75 1.77 10.85
C GLU A 356 6.63 1.32 11.79
N GLY A 357 6.95 0.87 13.00
CA GLY A 357 5.92 0.36 13.88
C GLY A 357 5.41 1.19 15.04
N THR A 358 5.89 2.41 15.20
CA THR A 358 5.46 3.26 16.30
C THR A 358 3.98 3.62 16.25
N PHE A 359 3.40 3.72 15.05
CA PHE A 359 1.98 4.01 14.93
C PHE A 359 1.17 2.82 15.43
N PHE A 360 1.55 1.63 14.98
CA PHE A 360 0.86 0.41 15.37
C PHE A 360 1.02 0.11 16.88
N GLY A 361 2.17 0.47 17.43
CA GLY A 361 2.39 0.24 18.85
C GLY A 361 1.47 1.06 19.73
N THR A 362 0.83 2.09 19.16
CA THR A 362 -0.10 2.93 19.91
C THR A 362 -1.42 2.21 20.17
N SER A 363 -1.65 1.13 19.44
CA SER A 363 -2.88 0.36 19.57
C SER A 363 -2.96 -0.59 20.76
N SER A 364 -1.83 -0.86 21.40
CA SER A 364 -1.82 -1.78 22.53
C SER A 364 -1.11 -1.20 23.76
N LEU A 365 -1.38 0.07 24.06
CA LEU A 365 -0.78 0.74 25.22
C LEU A 365 -1.32 0.28 26.58
N ASN A 366 -2.22 -0.72 26.57
CA ASN A 366 -2.76 -1.31 27.81
C ASN A 366 -2.00 -2.59 28.13
N VAL A 367 -1.06 -2.92 27.24
CA VAL A 367 -0.20 -4.08 27.39
C VAL A 367 1.07 -3.46 27.98
N THR A 368 1.31 -3.71 29.26
CA THR A 368 2.42 -3.13 29.98
C THR A 368 3.43 -4.12 30.60
N THR A 369 3.03 -5.36 30.76
CA THR A 369 3.92 -6.37 31.35
C THR A 369 4.33 -7.40 30.30
N ASP A 370 5.38 -8.17 30.59
CA ASP A 370 5.84 -9.20 29.66
C ASP A 370 4.81 -10.29 29.47
N ALA A 371 4.11 -10.65 30.55
CA ALA A 371 3.08 -11.68 30.48
C ALA A 371 2.03 -11.17 29.50
N GLN A 372 1.68 -9.90 29.58
CA GLN A 372 0.71 -9.35 28.66
C GLN A 372 1.28 -9.31 27.21
N ALA A 373 2.56 -8.95 27.06
CA ALA A 373 3.17 -8.89 25.72
C ALA A 373 3.12 -10.27 25.05
N ARG A 374 3.35 -11.31 25.84
CA ARG A 374 3.33 -12.68 25.33
C ARG A 374 1.93 -13.11 24.86
N GLU A 375 0.91 -12.67 25.57
CA GLU A 375 -0.46 -13.03 25.20
C GLU A 375 -0.95 -12.21 24.02
N TYR A 376 -0.48 -10.98 23.91
CA TYR A 376 -0.89 -10.13 22.81
C TYR A 376 -0.33 -10.74 21.54
N PHE A 377 0.95 -11.14 21.56
CA PHE A 377 1.56 -11.76 20.38
C PHE A 377 0.84 -13.04 20.03
N LYS A 378 0.52 -13.82 21.06
CA LYS A 378 -0.18 -15.09 20.91
C LYS A 378 -1.55 -14.89 20.25
N GLN A 379 -2.23 -13.82 20.63
CA GLN A 379 -3.54 -13.50 20.10
C GLN A 379 -3.40 -13.09 18.65
N SER A 380 -2.32 -12.36 18.38
CA SER A 380 -2.05 -11.82 17.06
C SER A 380 -1.54 -12.83 16.04
N PHE A 381 -0.74 -13.79 16.50
CA PHE A 381 -0.15 -14.81 15.63
C PHE A 381 -0.62 -16.19 16.04
N VAL A 382 -1.80 -16.58 15.56
CA VAL A 382 -2.39 -17.86 15.91
C VAL A 382 -1.61 -19.12 15.52
N HIS A 383 -0.72 -19.02 14.53
CA HIS A 383 0.04 -20.19 14.08
C HIS A 383 1.40 -20.29 14.76
N ALA A 384 1.69 -19.39 15.70
CA ALA A 384 2.99 -19.40 16.36
C ALA A 384 3.03 -20.24 17.62
N SER A 385 4.00 -21.14 17.69
CA SER A 385 4.16 -22.00 18.85
C SER A 385 4.77 -21.20 19.99
N ASP A 386 4.71 -21.77 21.20
CA ASP A 386 5.28 -21.11 22.37
C ASP A 386 6.76 -20.90 22.20
N ALA A 387 7.43 -21.89 21.62
CA ALA A 387 8.86 -21.80 21.38
C ALA A 387 9.15 -20.58 20.50
N GLU A 388 8.39 -20.43 19.42
CA GLU A 388 8.55 -19.30 18.51
C GLU A 388 8.21 -17.98 19.18
N ILE A 389 7.16 -17.98 20.01
CA ILE A 389 6.81 -16.77 20.72
C ILE A 389 7.98 -16.44 21.65
N ASP A 390 8.57 -17.46 22.26
CA ASP A 390 9.67 -17.22 23.17
C ASP A 390 10.92 -16.77 22.46
N THR A 391 11.16 -17.31 21.28
CA THR A 391 12.34 -16.90 20.51
C THR A 391 12.15 -15.44 20.12
N LEU A 392 10.92 -15.10 19.71
CA LEU A 392 10.57 -13.76 19.29
C LEU A 392 10.80 -12.74 20.42
N MET A 393 10.42 -13.13 21.63
CA MET A 393 10.55 -12.27 22.80
C MET A 393 11.96 -12.19 23.36
N THR A 394 12.85 -12.98 22.79
CA THR A 394 14.26 -12.96 23.18
C THR A 394 14.95 -12.11 22.12
N ALA A 395 14.53 -12.25 20.88
CA ALA A 395 15.08 -11.48 19.77
C ALA A 395 14.72 -10.02 19.99
N TYR A 396 13.52 -9.77 20.54
CA TYR A 396 13.06 -8.41 20.85
C TYR A 396 12.77 -8.38 22.35
N PRO A 397 13.80 -8.06 23.14
CA PRO A 397 13.79 -7.96 24.60
C PRO A 397 12.98 -6.79 25.14
N GLY A 398 12.61 -6.86 26.42
CA GLY A 398 11.86 -5.80 27.06
C GLY A 398 12.68 -4.54 27.26
N ASP A 399 14.00 -4.69 27.21
CA ASP A 399 14.94 -3.58 27.38
C ASP A 399 14.53 -2.37 26.52
N ILE A 400 13.99 -1.33 27.18
CA ILE A 400 13.52 -0.13 26.47
C ILE A 400 14.54 0.57 25.58
N THR A 401 15.82 0.32 25.79
CA THR A 401 16.82 0.96 24.95
C THR A 401 16.91 0.30 23.58
N GLN A 402 16.40 -0.94 23.49
CA GLN A 402 16.45 -1.74 22.25
C GLN A 402 15.32 -1.51 21.23
N GLY A 403 14.20 -0.96 21.70
CA GLY A 403 13.06 -0.76 20.83
C GLY A 403 12.99 0.46 19.96
N SER A 404 11.86 0.57 19.28
CA SER A 404 11.57 1.67 18.37
C SER A 404 10.70 2.70 19.09
N PRO A 405 11.01 3.99 18.95
CA PRO A 405 12.06 4.67 18.19
C PRO A 405 13.46 4.19 18.49
N PHE A 406 14.10 3.63 17.47
CA PHE A 406 15.43 3.10 17.59
C PHE A 406 16.47 4.13 17.95
N ASP A 407 17.39 3.71 18.83
CA ASP A 407 18.51 4.50 19.32
C ASP A 407 18.12 5.73 20.11
N THR A 408 17.06 5.63 20.93
CA THR A 408 16.65 6.77 21.74
C THR A 408 16.84 6.48 23.24
N GLY A 409 17.63 5.46 23.54
CA GLY A 409 17.89 5.12 24.92
C GLY A 409 16.63 4.89 25.73
N ILE A 410 16.55 5.55 26.90
CA ILE A 410 15.40 5.39 27.79
C ILE A 410 14.21 6.32 27.54
N LEU A 411 14.25 7.05 26.42
CA LEU A 411 13.17 7.95 26.09
C LEU A 411 12.09 7.18 25.37
N ASN A 412 10.89 7.77 25.34
CA ASN A 412 9.72 7.22 24.66
C ASN A 412 9.14 6.02 25.38
N ALA A 413 9.32 5.97 26.69
CA ALA A 413 8.79 4.83 27.43
C ALA A 413 7.34 5.08 27.82
N LEU A 414 6.45 5.08 26.83
CA LEU A 414 5.02 5.30 27.08
C LEU A 414 4.60 4.21 28.06
N THR A 415 5.11 3.01 27.84
CA THR A 415 4.84 1.85 28.71
C THR A 415 6.12 1.02 28.62
N PRO A 416 6.26 0.00 29.47
CA PRO A 416 7.47 -0.82 29.39
C PRO A 416 7.50 -1.70 28.12
N GLN A 417 6.41 -1.71 27.35
CA GLN A 417 6.34 -2.56 26.14
C GLN A 417 6.18 -1.85 24.79
N PHE A 418 5.86 -0.56 24.80
CA PHE A 418 5.63 0.23 23.57
C PHE A 418 6.73 0.08 22.52
N LYS A 419 7.95 0.40 22.93
CA LYS A 419 9.10 0.31 22.05
C LYS A 419 9.32 -1.11 21.52
N ARG A 420 9.09 -2.10 22.37
CA ARG A 420 9.25 -3.52 21.99
C ARG A 420 8.22 -3.92 20.93
N ILE A 421 6.94 -3.71 21.24
CA ILE A 421 5.84 -4.02 20.33
C ILE A 421 6.00 -3.22 19.04
N SER A 422 6.44 -1.96 19.13
CA SER A 422 6.66 -1.14 17.94
C SER A 422 7.77 -1.73 17.08
N ALA A 423 8.78 -2.31 17.71
CA ALA A 423 9.92 -2.90 16.99
C ALA A 423 9.54 -4.17 16.24
N VAL A 424 8.76 -5.03 16.86
CA VAL A 424 8.29 -6.29 16.26
C VAL A 424 7.39 -6.05 15.05
N LEU A 425 6.30 -5.33 15.26
CA LEU A 425 5.33 -5.01 14.23
C LEU A 425 5.88 -4.32 12.99
N GLY A 426 6.76 -3.34 13.19
CA GLY A 426 7.35 -2.63 12.06
C GLY A 426 8.33 -3.49 11.27
N ASP A 427 8.98 -4.44 11.93
CA ASP A 427 9.93 -5.34 11.30
C ASP A 427 9.24 -6.45 10.48
N LEU A 428 8.29 -7.13 11.10
CA LEU A 428 7.54 -8.19 10.44
C LEU A 428 6.74 -7.66 9.28
N GLY A 429 6.06 -6.54 9.48
CA GLY A 429 5.25 -6.00 8.42
C GLY A 429 5.98 -5.27 7.32
N PHE A 430 7.17 -4.74 7.62
CA PHE A 430 7.88 -3.98 6.60
C PHE A 430 9.41 -4.14 6.51
N THR A 431 10.09 -3.55 7.47
CA THR A 431 11.56 -3.50 7.49
C THR A 431 12.40 -4.76 7.26
N LEU A 432 12.10 -5.85 7.96
CA LEU A 432 12.85 -7.07 7.78
C LEU A 432 12.21 -7.90 6.68
N ALA A 433 10.90 -7.70 6.48
CA ALA A 433 10.18 -8.37 5.41
C ALA A 433 10.85 -7.94 4.10
N ARG A 434 11.25 -6.68 4.00
CA ARG A 434 11.93 -6.14 2.83
C ARG A 434 13.24 -6.90 2.59
N ARG A 435 14.01 -7.13 3.65
CA ARG A 435 15.27 -7.87 3.55
C ARG A 435 15.04 -9.28 3.00
N TYR A 436 13.98 -9.94 3.46
CA TYR A 436 13.67 -11.29 3.00
C TYR A 436 13.45 -11.25 1.48
N PHE A 437 12.67 -10.30 1.02
CA PHE A 437 12.45 -10.18 -0.40
C PHE A 437 13.79 -9.96 -1.12
N LEU A 438 14.53 -8.96 -0.69
CA LEU A 438 15.81 -8.63 -1.31
C LEU A 438 16.77 -9.79 -1.37
N ASN A 439 16.72 -10.65 -0.37
CA ASN A 439 17.61 -11.81 -0.32
C ASN A 439 17.19 -12.97 -1.18
N HIS A 440 15.98 -12.94 -1.73
CA HIS A 440 15.51 -14.05 -2.55
C HIS A 440 15.20 -13.62 -3.96
N TYR A 441 15.00 -12.32 -4.16
CA TYR A 441 14.66 -11.79 -5.48
C TYR A 441 15.82 -11.71 -6.44
N THR A 442 15.67 -12.31 -7.62
CA THR A 442 16.73 -12.26 -8.65
C THR A 442 16.19 -11.74 -9.99
N GLY A 443 14.96 -11.23 -9.98
CA GLY A 443 14.33 -10.76 -11.19
C GLY A 443 14.89 -9.53 -11.88
N GLY A 444 15.78 -8.80 -11.21
CA GLY A 444 16.33 -7.61 -11.80
C GLY A 444 17.14 -6.88 -10.74
N THR A 445 17.76 -5.77 -11.13
CA THR A 445 18.58 -4.96 -10.24
C THR A 445 17.81 -4.45 -9.04
N LYS A 446 18.42 -4.46 -7.87
CA LYS A 446 17.75 -3.97 -6.68
C LYS A 446 18.46 -2.76 -6.06
N TYR A 447 17.66 -1.84 -5.54
CA TYR A 447 18.14 -0.63 -4.87
C TYR A 447 17.28 -0.49 -3.63
N SER A 448 17.91 -0.30 -2.47
CA SER A 448 17.17 -0.17 -1.22
C SER A 448 17.63 1.05 -0.43
N PHE A 449 16.70 1.66 0.32
CA PHE A 449 17.01 2.83 1.14
C PHE A 449 16.43 2.69 2.54
N LEU A 450 17.06 3.36 3.51
CA LEU A 450 16.57 3.37 4.87
C LEU A 450 16.63 4.82 5.33
N SER A 451 15.50 5.38 5.73
CA SER A 451 15.46 6.76 6.18
C SER A 451 15.54 7.00 7.69
N LYS A 452 16.35 7.98 8.06
CA LYS A 452 16.54 8.37 9.46
C LYS A 452 16.42 9.89 9.49
N GLN A 453 15.66 10.42 8.54
CA GLN A 453 15.49 11.85 8.37
C GLN A 453 14.93 12.58 9.57
N LEU A 454 14.00 11.94 10.28
CA LEU A 454 13.35 12.56 11.43
C LEU A 454 13.84 12.09 12.80
N SER A 455 15.08 11.60 12.85
CA SER A 455 15.66 11.11 14.10
C SER A 455 15.48 12.18 15.17
N GLY A 456 15.11 11.74 16.36
CA GLY A 456 14.88 12.66 17.45
C GLY A 456 13.43 13.11 17.59
N LEU A 457 12.54 12.79 16.64
CA LEU A 457 11.13 13.19 16.79
C LEU A 457 10.52 12.32 17.89
N PRO A 458 10.06 12.94 18.99
CA PRO A 458 9.46 12.20 20.11
C PRO A 458 8.32 11.26 19.76
N VAL A 459 8.26 10.17 20.52
CA VAL A 459 7.24 9.13 20.40
C VAL A 459 7.25 8.28 19.12
N LEU A 460 7.25 8.94 17.97
CA LEU A 460 7.20 8.26 16.69
C LEU A 460 8.51 8.04 15.93
N GLY A 461 9.49 8.93 16.11
CA GLY A 461 10.77 8.79 15.39
C GLY A 461 10.59 9.03 13.90
N THR A 462 11.39 8.37 13.06
CA THR A 462 11.26 8.49 11.59
C THR A 462 10.11 7.55 11.23
N PHE A 463 8.88 8.04 11.47
CA PHE A 463 7.65 7.28 11.29
C PHE A 463 7.16 6.89 9.90
N HIS A 464 6.23 5.94 9.92
CA HIS A 464 5.59 5.40 8.76
C HIS A 464 4.73 6.50 8.21
N SER A 465 4.88 6.80 6.92
CA SER A 465 4.14 7.87 6.19
C SER A 465 4.93 9.15 5.98
N ASN A 466 5.95 9.43 6.79
CA ASN A 466 6.66 10.68 6.63
C ASN A 466 7.19 10.96 5.24
N ASP A 467 7.42 9.90 4.47
CA ASP A 467 7.90 10.08 3.10
C ASP A 467 6.85 10.77 2.20
N ILE A 468 5.57 10.56 2.50
CA ILE A 468 4.47 11.17 1.75
C ILE A 468 4.58 12.68 1.84
N VAL A 469 4.93 13.16 3.02
CA VAL A 469 5.10 14.60 3.26
C VAL A 469 6.15 15.16 2.32
N PHE A 470 7.34 14.54 2.36
CA PHE A 470 8.51 14.96 1.56
C PHE A 470 8.52 14.55 0.09
N GLN A 471 7.46 13.89 -0.33
CA GLN A 471 7.30 13.48 -1.73
C GLN A 471 6.18 14.34 -2.34
N ASP A 472 5.17 14.68 -1.54
CA ASP A 472 4.02 15.42 -2.03
C ASP A 472 3.73 16.81 -1.49
N TYR A 473 4.18 17.09 -0.25
CA TYR A 473 3.90 18.36 0.43
C TYR A 473 5.04 19.33 0.74
N LEU A 474 6.07 18.86 1.42
CA LEU A 474 7.20 19.72 1.77
C LEU A 474 8.45 19.18 1.14
N LEU A 475 9.46 20.03 1.00
CA LEU A 475 10.77 19.63 0.45
C LEU A 475 11.74 19.36 1.62
N GLY A 476 12.59 18.35 1.47
CA GLY A 476 13.53 18.06 2.53
C GLY A 476 14.63 17.18 1.98
N SER A 477 15.57 16.78 2.83
CA SER A 477 16.66 15.94 2.37
C SER A 477 16.10 14.70 1.67
N GLY A 478 14.98 14.22 2.20
CA GLY A 478 14.32 13.05 1.66
C GLY A 478 13.75 13.21 0.26
N SER A 479 13.36 14.43 -0.10
CA SER A 479 12.79 14.70 -1.43
C SER A 479 13.79 14.35 -2.53
N LEU A 480 15.08 14.34 -2.19
CA LEU A 480 16.10 14.00 -3.15
C LEU A 480 15.90 12.57 -3.61
N ILE A 481 15.35 11.76 -2.72
CA ILE A 481 15.11 10.36 -3.02
C ILE A 481 13.67 10.17 -3.49
N TYR A 482 12.71 10.68 -2.73
CA TYR A 482 11.30 10.50 -3.05
C TYR A 482 10.86 11.15 -4.36
N ASN A 483 11.57 12.17 -4.82
CA ASN A 483 11.21 12.79 -6.07
C ASN A 483 12.31 12.54 -7.07
N ASN A 484 13.43 13.24 -6.92
CA ASN A 484 14.55 13.13 -7.85
C ASN A 484 14.97 11.71 -8.20
N ALA A 485 15.43 10.95 -7.20
CA ALA A 485 15.90 9.58 -7.46
C ALA A 485 14.82 8.70 -8.07
N PHE A 486 13.57 8.89 -7.65
CA PHE A 486 12.43 8.11 -8.14
C PHE A 486 12.09 8.47 -9.59
N ILE A 487 12.33 9.72 -9.95
CA ILE A 487 12.08 10.22 -11.29
C ILE A 487 13.15 9.67 -12.26
N ALA A 488 14.40 9.66 -11.83
CA ALA A 488 15.50 9.15 -12.66
C ALA A 488 15.34 7.64 -12.92
N PHE A 489 14.90 6.90 -11.90
CA PHE A 489 14.66 5.46 -12.00
C PHE A 489 13.51 5.15 -12.99
N ALA A 490 12.42 5.89 -12.89
CA ALA A 490 11.30 5.70 -13.81
C ALA A 490 11.71 6.03 -15.27
N THR A 491 12.60 7.00 -15.43
CA THR A 491 13.05 7.41 -16.75
C THR A 491 14.16 6.53 -17.34
N ASP A 492 15.22 6.28 -16.57
CA ASP A 492 16.37 5.50 -17.05
C ASP A 492 16.59 4.13 -16.41
N LEU A 493 15.75 3.77 -15.44
CA LEU A 493 15.88 2.50 -14.72
C LEU A 493 17.15 2.45 -13.85
N ASP A 494 17.65 3.63 -13.50
CA ASP A 494 18.84 3.79 -12.68
C ASP A 494 18.64 5.09 -11.93
N PRO A 495 18.57 5.04 -10.61
CA PRO A 495 18.37 6.27 -9.83
C PRO A 495 19.63 7.16 -9.84
N ASN A 496 20.74 6.61 -10.30
CA ASN A 496 21.99 7.35 -10.34
C ASN A 496 21.99 8.39 -11.43
N THR A 497 21.09 8.30 -12.39
CA THR A 497 21.04 9.31 -13.42
C THR A 497 20.58 10.67 -12.86
N ALA A 498 20.05 10.68 -11.62
CA ALA A 498 19.58 11.90 -10.98
C ALA A 498 20.69 12.90 -10.69
N GLY A 499 21.94 12.43 -10.74
CA GLY A 499 23.07 13.30 -10.48
C GLY A 499 23.13 13.72 -9.02
N LEU A 500 22.92 12.76 -8.14
CA LEU A 500 22.99 13.02 -6.70
C LEU A 500 24.46 12.90 -6.35
N LEU A 501 24.88 13.57 -5.29
CA LEU A 501 26.27 13.51 -4.86
C LEU A 501 26.68 12.16 -4.31
N VAL A 502 25.73 11.44 -3.71
CA VAL A 502 26.03 10.11 -3.17
C VAL A 502 25.55 9.06 -4.17
N LYS A 503 26.45 8.17 -4.58
CA LYS A 503 26.11 7.13 -5.53
C LYS A 503 25.35 6.05 -4.77
N TRP A 504 24.21 5.66 -5.33
CA TRP A 504 23.36 4.64 -4.74
C TRP A 504 23.87 3.29 -5.20
N PRO A 505 24.39 2.48 -4.27
CA PRO A 505 24.91 1.14 -4.57
C PRO A 505 23.83 0.10 -4.82
N GLU A 506 24.14 -0.86 -5.67
CA GLU A 506 23.24 -1.93 -6.01
C GLU A 506 23.17 -2.88 -4.82
N TYR A 507 21.99 -3.42 -4.56
CA TYR A 507 21.85 -4.32 -3.44
C TYR A 507 21.87 -5.72 -3.98
N THR A 508 22.81 -6.55 -3.51
CA THR A 508 22.84 -7.93 -3.98
C THR A 508 22.34 -8.86 -2.87
N SER A 509 22.89 -8.70 -1.67
CA SER A 509 22.52 -9.54 -0.55
C SER A 509 22.73 -8.77 0.74
N SER A 510 22.07 -9.17 1.81
CA SER A 510 22.26 -8.47 3.07
C SER A 510 23.60 -8.90 3.69
N SER A 511 24.19 -9.98 3.15
CA SER A 511 25.45 -10.51 3.64
C SER A 511 26.62 -10.01 2.79
N GLN A 512 26.32 -9.17 1.81
CA GLN A 512 27.36 -8.65 0.94
C GLN A 512 28.26 -7.72 1.75
N SER A 513 29.52 -7.60 1.33
CA SER A 513 30.48 -6.73 1.99
C SER A 513 30.27 -5.37 1.36
N GLY A 514 30.45 -4.32 2.16
CA GLY A 514 30.25 -2.98 1.63
C GLY A 514 28.83 -2.50 1.82
N ASN A 515 28.65 -1.19 1.74
CA ASN A 515 27.35 -0.60 1.91
C ASN A 515 26.43 -0.98 0.81
N ASN A 516 25.20 -1.31 1.18
CA ASN A 516 24.20 -1.70 0.20
C ASN A 516 22.94 -0.89 0.32
N LEU A 517 22.95 0.07 1.25
CA LEU A 517 21.79 0.92 1.51
C LEU A 517 22.01 2.41 1.32
N MET A 518 21.09 3.07 0.63
CA MET A 518 21.13 4.53 0.49
C MET A 518 20.46 4.95 1.81
N MET A 519 20.97 5.96 2.49
CA MET A 519 20.38 6.37 3.75
C MET A 519 20.15 7.86 3.75
N ILE A 520 19.22 8.30 4.57
CA ILE A 520 18.86 9.71 4.64
C ILE A 520 18.80 10.21 6.06
N ASN A 521 19.40 11.37 6.31
CA ASN A 521 19.34 12.02 7.62
C ASN A 521 18.94 13.47 7.35
N ALA A 522 18.66 14.25 8.39
CA ALA A 522 18.24 15.64 8.22
C ALA A 522 19.11 16.49 7.27
N LEU A 523 20.42 16.24 7.25
CA LEU A 523 21.34 17.02 6.40
C LEU A 523 21.38 16.53 4.95
N GLY A 524 21.28 15.23 4.76
CA GLY A 524 21.31 14.71 3.41
C GLY A 524 21.33 13.20 3.30
N LEU A 525 22.16 12.74 2.37
CA LEU A 525 22.30 11.33 2.04
C LEU A 525 23.67 10.78 2.44
N TYR A 526 23.72 9.47 2.60
CA TYR A 526 24.93 8.72 2.93
C TYR A 526 24.56 7.25 2.77
N THR A 527 25.54 6.35 2.72
CA THR A 527 25.26 4.93 2.56
C THR A 527 25.55 4.09 3.81
N GLY A 528 24.86 2.96 3.96
CA GLY A 528 25.06 2.12 5.12
C GLY A 528 24.86 0.65 4.80
N LYS A 529 24.75 -0.17 5.83
CA LYS A 529 24.59 -1.62 5.69
C LYS A 529 23.25 -2.12 6.20
N ASP A 530 22.74 -3.17 5.55
CA ASP A 530 21.47 -3.74 5.94
C ASP A 530 21.77 -4.98 6.74
N ASN A 531 22.41 -4.79 7.89
CA ASN A 531 22.82 -5.90 8.75
C ASN A 531 22.30 -5.79 10.18
N PHE A 532 21.34 -4.92 10.42
CA PHE A 532 20.79 -4.76 11.77
C PHE A 532 19.68 -5.79 12.10
N ARG A 533 19.48 -6.00 13.40
CA ARG A 533 18.45 -6.92 13.91
C ARG A 533 18.37 -8.26 13.19
N THR A 534 19.50 -8.93 13.09
CA THR A 534 19.58 -10.24 12.43
C THR A 534 18.87 -11.31 13.23
N ALA A 535 18.89 -11.19 14.56
CA ALA A 535 18.23 -12.16 15.43
C ALA A 535 16.72 -12.09 15.26
N GLY A 536 16.21 -10.89 15.04
CA GLY A 536 14.78 -10.72 14.81
C GLY A 536 14.41 -11.28 13.45
N TYR A 537 15.31 -11.11 12.49
CA TYR A 537 15.07 -11.62 11.14
C TYR A 537 14.90 -13.12 11.18
N ASP A 538 15.77 -13.81 11.90
CA ASP A 538 15.63 -15.24 11.97
C ASP A 538 14.53 -15.69 12.91
N ALA A 539 14.18 -14.85 13.87
CA ALA A 539 13.12 -15.19 14.80
C ALA A 539 11.81 -15.21 14.01
N LEU A 540 11.71 -14.24 13.11
CA LEU A 540 10.54 -14.00 12.27
C LEU A 540 10.42 -14.80 10.97
N PHE A 541 11.51 -14.87 10.23
CA PHE A 541 11.49 -15.46 8.92
C PHE A 541 12.04 -16.85 8.67
N SER A 542 12.42 -17.54 9.74
CA SER A 542 12.92 -18.89 9.62
C SER A 542 11.81 -19.79 9.10
N ASN A 543 10.59 -19.47 9.46
CA ASN A 543 9.40 -20.16 8.98
C ASN A 543 8.34 -19.07 8.94
N PRO A 544 8.34 -18.29 7.86
CA PRO A 544 7.38 -17.19 7.70
C PRO A 544 5.91 -17.48 8.05
N PRO A 545 5.35 -18.63 7.63
CA PRO A 545 3.94 -18.87 7.96
C PRO A 545 3.55 -18.90 9.45
N SER A 546 4.52 -18.94 10.35
CA SER A 546 4.23 -18.95 11.78
C SER A 546 3.66 -17.62 12.24
N PHE A 547 3.96 -16.56 11.48
CA PHE A 547 3.50 -15.23 11.81
C PHE A 547 2.52 -14.61 10.83
N PHE A 548 1.72 -15.46 10.17
CA PHE A 548 0.72 -15.00 9.22
C PHE A 548 -0.59 -14.67 9.92
N VAL A 549 -1.33 -13.76 9.32
CA VAL A 549 -2.62 -13.32 9.84
C VAL A 549 -3.72 -13.73 8.86
C1 NAG B . -6.47 -4.22 26.04
C2 NAG B . -6.73 -5.48 26.86
C3 NAG B . -7.49 -6.54 26.04
C4 NAG B . -8.74 -5.89 25.39
C5 NAG B . -8.32 -4.76 24.53
C6 NAG B . -9.46 -4.18 23.76
C7 NAG B . -4.88 -5.87 28.40
C8 NAG B . -3.49 -6.47 28.56
N2 NAG B . -5.41 -6.01 27.18
O3 NAG B . -7.84 -7.61 26.88
O4 NAG B . -9.35 -6.88 24.57
O5 NAG B . -7.69 -3.77 25.39
O6 NAG B . -10.51 -3.91 24.65
O7 NAG B . -5.48 -5.31 29.33
C1 NAG B . -10.73 -7.01 24.51
C2 NAG B . -11.02 -8.00 23.40
C3 NAG B . -12.48 -8.44 23.38
C4 NAG B . -13.02 -8.83 24.78
C5 NAG B . -12.63 -7.70 25.79
C6 NAG B . -13.00 -8.00 27.27
C7 NAG B . -10.01 -7.76 21.14
C8 NAG B . -9.94 -6.89 19.92
N2 NAG B . -10.79 -7.31 22.11
O3 NAG B . -12.65 -9.54 22.49
O4 NAG B . -14.46 -9.00 24.70
O5 NAG B . -11.21 -7.49 25.74
O6 NAG B . -12.33 -9.17 27.70
O7 NAG B . -9.35 -8.78 21.25
C1 NAG C . -6.91 -14.51 -12.61
C2 NAG C . -6.81 -13.53 -13.79
C3 NAG C . -7.65 -14.18 -14.98
C4 NAG C . -7.15 -15.59 -15.36
C5 NAG C . -7.31 -16.46 -14.09
C6 NAG C . -6.71 -17.88 -14.32
C7 NAG C . -6.61 -11.07 -13.57
C8 NAG C . -7.18 -9.75 -13.06
N2 NAG C . -7.29 -12.20 -13.35
O3 NAG C . -7.60 -13.44 -16.20
O4 NAG C . -7.85 -16.10 -16.50
O5 NAG C . -6.59 -15.85 -13.00
O6 NAG C . -5.32 -17.85 -14.67
O7 NAG C . -5.55 -11.03 -14.19
CA CA D . -18.82 -19.27 7.77
CA CA E . 10.46 -17.15 -12.66
C1 MPC F . -0.61 0.19 6.50
C2 MPC F . -0.46 -1.17 5.82
C3 MPC F . -0.56 -2.30 6.86
C4 MPC F . -0.28 -3.76 6.34
C5 MPC F . -0.31 -4.98 7.31
C6 MPC F . -0.36 -6.39 6.67
C7 MPC F . -0.17 4.09 6.52
C8 MPC F . -0.71 4.63 5.23
C9 MPC F . -0.36 6.13 5.15
C10 MPC F . -0.95 6.90 6.39
C11 MPC F . -0.79 6.32 7.79
C12 MPC F . -0.88 4.80 7.75
C13 MPC F . -0.80 6.66 3.74
C14 MPC F . -0.43 4.11 9.05
C15 MPC F . -1.05 4.80 10.25
C16 MPC F . 1.12 3.89 9.20
O1 MPC F . -0.41 2.69 6.63
O2 MPC F . -1.28 1.82 4.22
P1 MPC F . -0.39 1.63 5.36
#